data_5X4B
#
_entry.id   5X4B
#
_cell.length_a   42.260
_cell.length_b   43.750
_cell.length_c   50.710
_cell.angle_alpha   66.880
_cell.angle_beta   79.880
_cell.angle_gamma   70.820
#
_symmetry.space_group_name_H-M   'P 1'
#
loop_
_entity.id
_entity.type
_entity.pdbx_description
1 polymer 'GTPase Der'
2 non-polymer "GUANOSINE-5'-DIPHOSPHATE"
3 non-polymer 'POTASSIUM ION'
4 non-polymer 'MAGNESIUM ION'
5 non-polymer 'SODIUM ION'
6 water water
#
_entity_poly.entity_id   1
_entity_poly.type   'polypeptide(L)'
_entity_poly.pdbx_seq_one_letter_code
;GKPVVAIVGRPNVGKSTIFNRIAGERISIVEDTPGVTRDRIYSSAEWLNYDFNLIDTGGIDIGDEPFLAQIRQQAEIAMD
EADVIIFMVNGREGVTAADEEVAKILYRTKKPVVLAVNKLDNTEMRANIYDFYSLGFGEPYPISGTHGLGLGDLLDAVAE
HF
;
_entity_poly.pdbx_strand_id   A,B
#
# COMPACT_ATOMS: atom_id res chain seq x y z
N GLY A 1 -19.27 10.72 4.52
CA GLY A 1 -19.30 9.39 5.21
C GLY A 1 -19.62 9.43 6.72
N LYS A 2 -20.46 8.50 7.15
CA LYS A 2 -21.12 8.57 8.42
C LYS A 2 -20.10 8.23 9.53
N PRO A 3 -19.42 7.07 9.51
CA PRO A 3 -18.52 6.86 10.68
C PRO A 3 -17.35 7.85 10.57
N VAL A 4 -16.82 8.21 11.70
CA VAL A 4 -15.63 9.04 11.89
C VAL A 4 -14.51 8.21 12.42
N VAL A 5 -13.41 8.28 11.69
CA VAL A 5 -12.14 7.51 12.06
C VAL A 5 -11.06 8.56 12.32
N ALA A 6 -10.45 8.50 13.50
CA ALA A 6 -9.39 9.44 13.87
C ALA A 6 -8.05 8.72 14.01
N ILE A 7 -7.02 9.30 13.43
CA ILE A 7 -5.61 8.81 13.55
C ILE A 7 -5.01 9.58 14.70
N VAL A 8 -4.40 8.85 15.64
CA VAL A 8 -3.74 9.43 16.83
C VAL A 8 -2.35 8.84 16.94
N GLY A 9 -1.38 9.66 17.27
CA GLY A 9 -0.05 9.16 17.56
C GLY A 9 0.96 10.30 17.67
N ARG A 10 2.11 9.99 18.27
CA ARG A 10 3.15 10.99 18.41
C ARG A 10 3.70 11.43 17.07
N PRO A 11 4.51 12.49 16.99
CA PRO A 11 5.10 12.89 15.72
C PRO A 11 5.99 11.87 15.09
N ASN A 12 6.01 11.83 13.76
CA ASN A 12 6.88 10.93 12.98
C ASN A 12 6.49 9.43 13.16
N VAL A 13 5.23 9.19 13.13
CA VAL A 13 4.79 7.79 12.99
C VAL A 13 4.17 7.49 11.59
N GLY A 14 4.04 8.52 10.82
CA GLY A 14 3.51 8.45 9.49
C GLY A 14 2.03 8.82 9.29
N LYS A 15 1.47 9.57 10.17
CA LYS A 15 0.05 9.91 10.19
C LYS A 15 -0.34 10.67 8.94
N SER A 16 0.35 11.78 8.68
CA SER A 16 0.02 12.59 7.51
CA SER A 16 -0.05 12.55 7.51
C SER A 16 0.10 11.84 6.22
N THR A 17 1.10 10.97 6.15
CA THR A 17 1.32 10.18 4.93
C THR A 17 0.19 9.18 4.76
N ILE A 18 -0.26 8.55 5.83
CA ILE A 18 -1.42 7.67 5.72
C ILE A 18 -2.69 8.44 5.41
N PHE A 19 -2.88 9.59 6.07
CA PHE A 19 -4.04 10.41 5.72
C PHE A 19 -4.05 10.71 4.24
N ASN A 20 -2.95 11.12 3.71
CA ASN A 20 -2.97 11.44 2.26
C ASN A 20 -3.13 10.25 1.36
N ARG A 21 -2.70 9.08 1.76
CA ARG A 21 -3.02 7.86 0.99
C ARG A 21 -4.47 7.55 0.95
N ILE A 22 -5.21 7.86 2.02
CA ILE A 22 -6.61 7.45 2.15
C ILE A 22 -7.62 8.56 1.77
N ALA A 23 -7.34 9.80 2.14
CA ALA A 23 -8.35 10.91 2.04
C ALA A 23 -8.71 11.43 0.68
N GLY A 24 -9.98 11.77 0.53
CA GLY A 24 -10.50 12.41 -0.69
C GLY A 24 -10.11 13.89 -0.87
N GLU A 25 -9.98 14.66 0.22
CA GLU A 25 -9.70 16.12 0.07
C GLU A 25 -8.17 16.32 0.14
N ARG A 26 -7.61 17.07 -0.83
CA ARG A 26 -6.14 17.10 -1.06
C ARG A 26 -5.49 18.41 -0.62
N THR A 37 -0.80 22.82 7.09
CA THR A 37 -0.38 21.54 7.64
C THR A 37 -0.07 20.59 6.46
N ARG A 38 0.28 19.33 6.77
CA ARG A 38 0.70 18.35 5.73
C ARG A 38 -0.48 17.65 5.04
N ASP A 39 -1.65 17.79 5.65
CA ASP A 39 -2.89 17.19 5.12
C ASP A 39 -4.05 18.14 5.52
N ARG A 40 -5.22 17.83 4.95
CA ARG A 40 -6.43 18.66 5.16
C ARG A 40 -7.07 18.52 6.54
N ILE A 41 -6.52 17.67 7.46
CA ILE A 41 -6.97 17.48 8.85
C ILE A 41 -8.26 16.69 9.00
N TYR A 42 -9.30 17.18 8.40
CA TYR A 42 -10.65 16.50 8.33
C TYR A 42 -11.03 16.26 6.87
N SER A 43 -11.36 15.02 6.46
CA SER A 43 -11.74 14.78 5.03
C SER A 43 -12.64 13.61 4.97
N SER A 44 -13.54 13.63 3.97
CA SER A 44 -14.22 12.43 3.52
C SER A 44 -13.23 11.47 2.98
N ALA A 45 -13.56 10.19 3.07
CA ALA A 45 -12.73 9.20 2.48
C ALA A 45 -13.59 8.05 1.93
N GLU A 46 -13.09 7.38 0.89
CA GLU A 46 -13.78 6.19 0.33
C GLU A 46 -12.73 5.14 0.05
N TRP A 47 -12.98 3.95 0.57
CA TRP A 47 -12.12 2.81 0.25
C TRP A 47 -13.08 1.66 -0.08
N LEU A 48 -13.26 1.37 -1.38
CA LEU A 48 -14.18 0.35 -1.80
C LEU A 48 -15.56 0.63 -1.23
N ASN A 49 -16.10 -0.30 -0.46
CA ASN A 49 -17.47 -0.10 0.12
C ASN A 49 -17.48 0.74 1.39
N TYR A 50 -16.31 1.20 1.84
CA TYR A 50 -16.24 1.97 3.07
C TYR A 50 -16.28 3.46 2.83
N ASP A 51 -17.23 4.13 3.44
CA ASP A 51 -17.45 5.55 3.26
C ASP A 51 -17.40 6.16 4.64
N PHE A 52 -16.42 7.03 4.90
CA PHE A 52 -16.21 7.49 6.28
C PHE A 52 -15.57 8.85 6.26
N ASN A 53 -15.53 9.54 7.42
CA ASN A 53 -14.78 10.74 7.59
C ASN A 53 -13.49 10.45 8.38
N LEU A 54 -12.41 11.07 8.00
CA LEU A 54 -11.09 10.81 8.55
C LEU A 54 -10.56 12.06 9.16
N ILE A 55 -9.89 11.87 10.30
CA ILE A 55 -9.27 12.95 11.05
C ILE A 55 -7.79 12.62 11.28
N ASP A 56 -6.82 13.46 10.91
CA ASP A 56 -5.43 13.36 11.39
C ASP A 56 -5.23 14.28 12.60
N THR A 57 -5.41 13.75 13.78
CA THR A 57 -5.37 14.61 14.99
C THR A 57 -3.99 15.23 15.22
N GLY A 58 -2.96 14.70 14.61
CA GLY A 58 -1.63 15.29 14.68
C GLY A 58 -1.60 16.63 14.01
N GLY A 59 -2.54 16.93 13.13
CA GLY A 59 -2.67 18.27 12.51
C GLY A 59 -3.38 19.31 13.40
N ILE A 60 -3.88 18.93 14.56
CA ILE A 60 -4.62 19.89 15.44
C ILE A 60 -3.52 20.57 16.30
N ASP A 61 -3.30 21.85 16.05
CA ASP A 61 -2.43 22.66 16.93
C ASP A 61 -3.15 22.96 18.25
N ILE A 62 -2.55 22.50 19.35
CA ILE A 62 -3.15 22.56 20.66
C ILE A 62 -3.04 23.96 21.34
N GLY A 63 -2.11 24.78 20.89
CA GLY A 63 -1.90 26.14 21.41
C GLY A 63 -1.07 26.13 22.68
N ASP A 64 0.03 26.86 22.59
CA ASP A 64 1.29 26.69 23.37
C ASP A 64 1.16 25.92 24.68
N GLU A 65 1.31 24.60 24.57
CA GLU A 65 1.19 23.61 25.66
C GLU A 65 2.47 22.73 25.51
N PRO A 66 2.91 22.03 26.53
CA PRO A 66 4.05 21.12 26.42
C PRO A 66 3.76 19.98 25.44
N PHE A 67 4.77 19.37 24.91
CA PHE A 67 4.67 18.26 23.95
C PHE A 67 3.74 17.19 24.46
N LEU A 68 3.91 16.71 25.67
CA LEU A 68 3.16 15.61 26.19
C LEU A 68 1.71 16.03 26.35
N ALA A 69 1.42 17.25 26.70
CA ALA A 69 0.04 17.71 26.82
C ALA A 69 -0.59 17.75 25.47
N GLN A 70 0.13 18.12 24.43
CA GLN A 70 -0.41 18.22 23.09
C GLN A 70 -0.75 16.82 22.58
N ILE A 71 0.07 15.82 22.77
CA ILE A 71 -0.20 14.47 22.30
C ILE A 71 -1.34 13.89 23.07
N ARG A 72 -1.45 14.19 24.36
CA ARG A 72 -2.58 13.64 25.17
C ARG A 72 -3.87 14.33 24.72
N GLN A 73 -3.89 15.64 24.45
CA GLN A 73 -5.06 16.35 24.03
C GLN A 73 -5.54 15.96 22.63
N GLN A 74 -4.64 15.59 21.75
CA GLN A 74 -5.01 15.05 20.39
C GLN A 74 -5.70 13.75 20.61
N ALA A 75 -5.25 12.89 21.50
CA ALA A 75 -5.87 11.64 21.79
C ALA A 75 -7.29 11.88 22.38
N GLU A 76 -7.38 12.84 23.28
CA GLU A 76 -8.69 13.18 23.87
C GLU A 76 -9.65 13.66 22.83
N ILE A 77 -9.24 14.44 21.86
CA ILE A 77 -10.14 14.88 20.81
C ILE A 77 -10.62 13.67 20.00
N ALA A 78 -9.77 12.72 19.66
CA ALA A 78 -10.18 11.51 19.01
C ALA A 78 -11.19 10.75 19.84
N MET A 79 -10.99 10.63 21.13
CA MET A 79 -11.94 9.88 21.97
C MET A 79 -13.31 10.59 22.03
N ASP A 80 -13.32 11.88 21.80
CA ASP A 80 -14.60 12.64 21.79
C ASP A 80 -15.26 12.53 20.46
N GLU A 81 -14.54 12.78 19.35
CA GLU A 81 -15.09 12.96 18.02
C GLU A 81 -15.35 11.70 17.21
N ALA A 82 -14.45 10.72 17.37
CA ALA A 82 -14.44 9.56 16.50
C ALA A 82 -15.28 8.41 16.97
N ASP A 83 -15.65 7.59 15.99
CA ASP A 83 -16.28 6.30 16.22
C ASP A 83 -15.22 5.17 16.42
N VAL A 84 -14.12 5.27 15.61
CA VAL A 84 -13.05 4.28 15.63
C VAL A 84 -11.73 5.08 15.59
N ILE A 85 -10.80 4.65 16.43
CA ILE A 85 -9.46 5.30 16.51
C ILE A 85 -8.43 4.38 15.90
N ILE A 86 -7.59 4.98 15.06
CA ILE A 86 -6.33 4.34 14.62
C ILE A 86 -5.21 4.90 15.46
N PHE A 87 -4.64 4.07 16.32
CA PHE A 87 -3.47 4.42 17.13
C PHE A 87 -2.26 4.02 16.39
N MET A 88 -1.48 5.00 15.91
CA MET A 88 -0.34 4.73 15.03
C MET A 88 0.98 4.88 15.82
N VAL A 89 1.85 3.92 15.57
CA VAL A 89 3.18 3.86 16.19
C VAL A 89 4.18 3.56 15.09
N ASN A 90 5.45 3.69 15.42
CA ASN A 90 6.60 3.62 14.47
C ASN A 90 7.35 2.35 14.63
N GLY A 91 7.14 1.39 13.71
CA GLY A 91 7.76 0.11 13.77
C GLY A 91 9.23 0.01 13.65
N ARG A 92 9.91 1.09 13.35
CA ARG A 92 11.38 1.16 13.32
C ARG A 92 11.89 1.72 14.61
N GLU A 93 11.09 2.10 15.55
CA GLU A 93 11.56 2.75 16.76
C GLU A 93 11.16 2.05 18.02
N GLY A 94 10.42 0.96 17.94
CA GLY A 94 9.94 0.32 19.11
C GLY A 94 8.84 1.09 19.84
N VAL A 95 8.48 0.62 21.06
CA VAL A 95 7.59 1.27 21.99
C VAL A 95 8.33 2.33 22.68
N THR A 96 7.98 3.58 22.48
CA THR A 96 8.59 4.69 23.18
C THR A 96 7.72 5.10 24.35
N ALA A 97 8.31 5.86 25.31
CA ALA A 97 7.54 6.41 26.40
C ALA A 97 6.39 7.25 25.90
N ALA A 98 6.62 8.06 24.81
CA ALA A 98 5.56 8.87 24.29
C ALA A 98 4.42 7.99 23.77
N ASP A 99 4.72 6.91 23.08
CA ASP A 99 3.66 5.97 22.71
C ASP A 99 2.90 5.48 23.93
N GLU A 100 3.62 5.14 25.02
CA GLU A 100 2.96 4.68 26.29
C GLU A 100 2.04 5.73 26.88
N GLU A 101 2.41 7.02 26.75
CA GLU A 101 1.58 8.08 27.21
C GLU A 101 0.32 8.21 26.41
N VAL A 102 0.39 8.06 25.08
CA VAL A 102 -0.85 8.02 24.29
C VAL A 102 -1.72 6.82 24.63
N ALA A 103 -1.09 5.68 24.80
CA ALA A 103 -1.84 4.48 25.17
C ALA A 103 -2.61 4.74 26.51
N LYS A 104 -1.96 5.34 27.49
CA LYS A 104 -2.58 5.55 28.80
C LYS A 104 -3.80 6.40 28.64
N ILE A 105 -3.80 7.36 27.76
CA ILE A 105 -5.01 8.15 27.51
C ILE A 105 -6.08 7.34 26.86
N LEU A 106 -5.71 6.59 25.80
CA LEU A 106 -6.68 5.80 25.06
C LEU A 106 -7.28 4.64 25.87
N TYR A 107 -6.64 4.21 26.97
CA TYR A 107 -7.27 3.22 27.87
C TYR A 107 -8.62 3.76 28.44
N ARG A 108 -8.83 5.06 28.36
CA ARG A 108 -10.05 5.69 28.99
C ARG A 108 -11.22 5.57 28.12
N THR A 109 -11.12 5.09 26.87
CA THR A 109 -12.28 5.03 26.05
C THR A 109 -12.82 3.66 25.89
N LYS A 110 -14.15 3.58 25.72
CA LYS A 110 -14.84 2.42 25.23
C LYS A 110 -14.83 2.10 23.73
N LYS A 111 -14.53 3.17 23.02
CA LYS A 111 -14.48 3.01 21.59
C LYS A 111 -13.33 2.18 21.02
N PRO A 112 -13.59 1.57 19.88
CA PRO A 112 -12.58 0.64 19.31
C PRO A 112 -11.28 1.41 18.92
N VAL A 113 -10.16 0.80 19.27
CA VAL A 113 -8.84 1.36 18.92
C VAL A 113 -8.17 0.25 18.13
N VAL A 114 -7.73 0.59 16.91
CA VAL A 114 -6.98 -0.36 16.06
C VAL A 114 -5.53 0.14 16.01
N LEU A 115 -4.59 -0.69 16.40
CA LEU A 115 -3.18 -0.32 16.45
C LEU A 115 -2.51 -0.57 15.13
N ALA A 116 -1.86 0.45 14.61
CA ALA A 116 -1.20 0.40 13.29
C ALA A 116 0.28 0.69 13.50
N VAL A 117 1.13 -0.25 13.03
CA VAL A 117 2.57 -0.14 13.22
C VAL A 117 3.17 0.22 11.84
N ASN A 118 3.61 1.50 11.70
CA ASN A 118 3.99 1.99 10.37
C ASN A 118 5.53 1.94 10.17
N LYS A 119 5.93 2.23 8.96
CA LYS A 119 7.33 2.14 8.50
C LYS A 119 7.83 0.75 8.41
N LEU A 120 6.90 -0.23 8.27
CA LEU A 120 7.28 -1.65 8.04
C LEU A 120 7.20 -1.83 6.53
N ASP A 121 8.33 -1.57 5.92
CA ASP A 121 8.45 -1.33 4.45
C ASP A 121 8.55 -2.54 3.60
N ASN A 122 8.51 -3.75 4.18
CA ASN A 122 8.45 -4.98 3.39
C ASN A 122 8.07 -6.07 4.36
N THR A 123 7.76 -7.27 3.87
CA THR A 123 7.26 -8.40 4.70
C THR A 123 8.34 -8.90 5.70
N GLU A 124 9.60 -8.75 5.43
CA GLU A 124 10.69 -9.21 6.29
C GLU A 124 10.66 -8.42 7.60
N MET A 125 10.08 -7.20 7.61
CA MET A 125 10.01 -6.41 8.82
C MET A 125 8.81 -6.72 9.72
N ARG A 126 7.91 -7.63 9.31
CA ARG A 126 6.65 -7.90 10.03
C ARG A 126 6.88 -8.22 11.50
N ALA A 127 7.93 -8.93 11.83
CA ALA A 127 8.11 -9.39 13.20
C ALA A 127 8.31 -8.22 14.11
N ASN A 128 8.65 -7.02 13.59
CA ASN A 128 8.72 -5.87 14.44
C ASN A 128 7.39 -5.56 15.14
N ILE A 129 6.27 -6.12 14.71
CA ILE A 129 4.99 -5.85 15.35
C ILE A 129 4.97 -6.43 16.77
N TYR A 130 5.73 -7.50 17.03
CA TYR A 130 5.39 -8.24 18.31
C TYR A 130 5.68 -7.45 19.54
N ASP A 131 6.61 -6.50 19.52
CA ASP A 131 6.87 -5.60 20.66
C ASP A 131 5.68 -4.70 21.01
N PHE A 132 4.80 -4.48 20.04
CA PHE A 132 3.69 -3.52 20.23
C PHE A 132 2.46 -4.16 20.80
N TYR A 133 2.43 -5.51 20.98
CA TYR A 133 1.36 -6.08 21.80
C TYR A 133 1.43 -5.55 23.27
N SER A 134 2.59 -5.05 23.68
CA SER A 134 2.73 -4.55 25.06
C SER A 134 1.83 -3.33 25.32
N LEU A 135 1.37 -2.66 24.27
CA LEU A 135 0.56 -1.43 24.49
C LEU A 135 -0.85 -1.76 24.91
N GLY A 136 -1.26 -3.03 24.75
CA GLY A 136 -2.53 -3.47 25.28
C GLY A 136 -3.71 -3.21 24.46
N PHE A 137 -3.54 -3.08 23.16
CA PHE A 137 -4.65 -2.87 22.18
C PHE A 137 -4.79 -4.01 21.24
N GLY A 138 -4.32 -5.16 21.59
CA GLY A 138 -4.47 -6.31 20.72
C GLY A 138 -3.59 -6.30 19.48
N GLU A 139 -4.05 -6.90 18.41
CA GLU A 139 -3.25 -7.17 17.24
C GLU A 139 -2.73 -5.90 16.62
N PRO A 140 -1.41 -5.80 16.46
CA PRO A 140 -0.85 -4.65 15.71
C PRO A 140 -0.93 -4.95 14.22
N TYR A 141 -1.37 -4.00 13.41
CA TYR A 141 -1.44 -4.15 11.97
C TYR A 141 -0.27 -3.50 11.33
N PRO A 142 0.56 -4.22 10.59
CA PRO A 142 1.76 -3.62 9.92
C PRO A 142 1.30 -2.85 8.74
N ILE A 143 1.88 -1.63 8.60
CA ILE A 143 1.59 -0.78 7.40
C ILE A 143 2.85 -0.03 6.95
N SER A 144 2.79 0.40 5.69
CA SER A 144 3.75 1.41 5.20
C SER A 144 2.97 2.40 4.42
N GLY A 145 2.98 3.65 4.86
CA GLY A 145 2.37 4.74 4.08
C GLY A 145 3.15 5.07 2.84
N THR A 146 4.45 5.09 2.88
CA THR A 146 5.18 5.43 1.67
C THR A 146 5.10 4.35 0.65
N HIS A 147 5.10 3.09 1.05
CA HIS A 147 5.08 1.95 0.06
C HIS A 147 3.66 1.51 -0.15
N GLY A 148 2.62 2.05 0.48
CA GLY A 148 1.29 1.60 0.30
C GLY A 148 1.04 0.20 0.65
N LEU A 149 1.50 -0.21 1.84
CA LEU A 149 1.34 -1.64 2.29
C LEU A 149 0.41 -1.75 3.48
N GLY A 150 -0.40 -2.80 3.44
CA GLY A 150 -1.26 -3.09 4.53
C GLY A 150 -2.48 -2.30 4.73
N LEU A 151 -2.82 -1.44 3.75
CA LEU A 151 -3.90 -0.48 3.95
C LEU A 151 -5.26 -1.13 3.91
N GLY A 152 -5.45 -2.05 2.99
CA GLY A 152 -6.69 -2.79 2.99
C GLY A 152 -6.97 -3.57 4.24
N ASP A 153 -5.96 -4.27 4.74
CA ASP A 153 -6.12 -5.01 5.97
C ASP A 153 -6.44 -4.09 7.15
N LEU A 154 -5.77 -2.91 7.23
CA LEU A 154 -6.01 -1.94 8.29
C LEU A 154 -7.46 -1.41 8.17
N LEU A 155 -7.87 -1.00 6.99
CA LEU A 155 -9.22 -0.45 6.86
C LEU A 155 -10.30 -1.53 7.07
N ASP A 156 -10.01 -2.77 6.73
CA ASP A 156 -10.96 -3.84 7.07
C ASP A 156 -11.09 -3.95 8.54
N ALA A 157 -10.06 -3.87 9.31
CA ALA A 157 -10.14 -4.00 10.76
C ALA A 157 -10.89 -2.82 11.34
N VAL A 158 -10.64 -1.63 10.82
CA VAL A 158 -11.40 -0.43 11.26
C VAL A 158 -12.88 -0.56 10.97
N ALA A 159 -13.19 -0.96 9.72
CA ALA A 159 -14.62 -1.03 9.29
C ALA A 159 -15.32 -2.16 9.97
N GLU A 160 -14.68 -3.14 10.51
CA GLU A 160 -15.37 -4.24 11.26
C GLU A 160 -16.22 -3.60 12.32
N HIS A 161 -15.76 -2.49 12.87
CA HIS A 161 -16.40 -1.77 13.97
C HIS A 161 -17.60 -0.90 13.57
N PHE A 162 -17.77 -0.58 12.29
CA PHE A 162 -18.83 0.27 11.80
C PHE A 162 -20.29 -0.33 12.05
N LYS B 2 7.96 -1.01 -33.13
CA LYS B 2 8.58 -1.51 -31.88
C LYS B 2 7.38 -1.69 -30.98
N PRO B 3 7.10 -2.92 -30.59
CA PRO B 3 6.05 -3.14 -29.58
C PRO B 3 6.37 -2.35 -28.33
N VAL B 4 5.30 -1.97 -27.60
CA VAL B 4 5.48 -1.30 -26.28
C VAL B 4 4.91 -2.29 -25.20
N VAL B 5 5.83 -2.48 -24.22
CA VAL B 5 5.52 -3.32 -23.04
C VAL B 5 5.46 -2.39 -21.82
N ALA B 6 4.28 -2.44 -21.15
CA ALA B 6 4.16 -1.61 -19.90
C ALA B 6 4.08 -2.53 -18.68
N ILE B 7 4.88 -2.19 -17.68
CA ILE B 7 4.76 -2.84 -16.34
C ILE B 7 3.79 -2.04 -15.49
N VAL B 8 2.89 -2.73 -14.83
CA VAL B 8 1.80 -2.14 -13.98
C VAL B 8 1.73 -2.96 -12.70
N GLY B 9 1.44 -2.27 -11.61
CA GLY B 9 1.19 -2.91 -10.30
C GLY B 9 1.34 -1.88 -9.21
N ARG B 10 0.84 -2.28 -8.03
CA ARG B 10 0.95 -1.43 -6.87
C ARG B 10 2.40 -1.20 -6.44
N PRO B 11 2.68 -0.24 -5.55
CA PRO B 11 4.09 0.03 -5.14
C PRO B 11 4.71 -1.14 -4.40
N ASN B 12 6.01 -1.22 -4.55
CA ASN B 12 6.91 -2.11 -3.82
C ASN B 12 6.84 -3.55 -4.26
N VAL B 13 6.21 -3.88 -5.35
CA VAL B 13 6.18 -5.27 -5.83
C VAL B 13 7.46 -5.62 -6.58
N GLY B 14 8.25 -4.65 -7.01
CA GLY B 14 9.51 -4.91 -7.69
C GLY B 14 9.56 -4.38 -9.12
N LYS B 15 8.65 -3.53 -9.51
CA LYS B 15 8.64 -3.10 -10.90
C LYS B 15 9.90 -2.38 -11.37
N SER B 16 10.40 -1.45 -10.61
CA SER B 16 11.69 -0.73 -10.93
CA SER B 16 11.62 -0.75 -11.07
C SER B 16 12.82 -1.72 -11.08
N THR B 17 12.91 -2.64 -10.16
CA THR B 17 13.96 -3.68 -10.12
C THR B 17 13.91 -4.50 -11.41
N ILE B 18 12.72 -4.97 -11.78
CA ILE B 18 12.61 -5.79 -12.97
C ILE B 18 12.83 -4.89 -14.19
N PHE B 19 12.28 -3.67 -14.23
CA PHE B 19 12.54 -2.77 -15.37
C PHE B 19 14.04 -2.63 -15.61
N ASN B 20 14.78 -2.42 -14.53
CA ASN B 20 16.28 -2.25 -14.69
C ASN B 20 16.87 -3.48 -15.24
N ARG B 21 16.41 -4.68 -14.90
CA ARG B 21 16.98 -5.87 -15.48
C ARG B 21 16.65 -6.05 -16.92
N ILE B 22 15.45 -5.70 -17.31
CA ILE B 22 14.97 -5.90 -18.67
C ILE B 22 15.68 -4.92 -19.56
N ALA B 23 15.80 -3.71 -19.13
CA ALA B 23 16.48 -2.68 -19.92
C ALA B 23 17.97 -2.90 -19.79
N ILE B 41 11.36 5.98 -16.34
CA ILE B 41 9.99 5.61 -16.77
C ILE B 41 9.99 4.76 -18.05
N TYR B 42 10.88 5.08 -19.01
CA TYR B 42 10.80 4.64 -20.33
C TYR B 42 12.22 4.29 -20.82
N SER B 43 12.30 3.18 -21.52
CA SER B 43 13.56 2.74 -22.19
C SER B 43 13.35 1.80 -23.30
N SER B 44 14.28 1.74 -24.27
CA SER B 44 14.31 0.57 -25.16
C SER B 44 14.88 -0.68 -24.48
N ALA B 45 14.54 -1.80 -25.06
CA ALA B 45 14.92 -3.08 -24.62
C ALA B 45 15.00 -4.11 -25.74
N GLU B 46 15.68 -5.24 -25.45
CA GLU B 46 15.80 -6.37 -26.40
C GLU B 46 15.57 -7.78 -25.76
N TRP B 47 14.80 -8.64 -26.40
CA TRP B 47 14.60 -10.06 -25.99
C TRP B 47 14.41 -11.04 -27.14
N LEU B 48 15.21 -12.12 -27.07
CA LEU B 48 15.63 -12.91 -28.18
C LEU B 48 16.16 -11.79 -29.10
N ASN B 49 15.48 -11.60 -30.20
CA ASN B 49 15.88 -10.68 -31.21
C ASN B 49 14.77 -9.69 -31.47
N TYR B 50 13.85 -9.48 -30.51
CA TYR B 50 12.85 -8.40 -30.68
C TYR B 50 13.31 -7.16 -29.95
N ASP B 51 13.21 -6.04 -30.64
CA ASP B 51 13.47 -4.70 -30.09
C ASP B 51 12.08 -4.24 -29.58
N PHE B 52 12.00 -3.68 -28.38
CA PHE B 52 10.71 -3.13 -27.91
C PHE B 52 10.99 -1.98 -27.01
N ASN B 53 9.90 -1.22 -26.65
CA ASN B 53 10.06 -0.15 -25.71
C ASN B 53 9.31 -0.57 -24.41
N LEU B 54 9.90 -0.18 -23.31
CA LEU B 54 9.44 -0.62 -21.96
C LEU B 54 9.06 0.61 -21.19
N ILE B 55 7.88 0.57 -20.53
CA ILE B 55 7.45 1.66 -19.67
C ILE B 55 7.19 1.07 -18.24
N ASP B 56 7.72 1.69 -17.22
CA ASP B 56 7.35 1.34 -15.81
C ASP B 56 6.28 2.35 -15.41
N THR B 57 5.01 2.00 -15.44
CA THR B 57 3.95 2.99 -15.08
C THR B 57 3.94 3.32 -13.65
N GLY B 58 4.55 2.52 -12.81
CA GLY B 58 4.72 2.95 -11.38
C GLY B 58 5.63 4.09 -11.17
N GLY B 59 6.48 4.35 -12.14
CA GLY B 59 7.39 5.44 -12.16
C GLY B 59 6.69 6.75 -12.54
N ILE B 60 5.45 6.66 -13.01
CA ILE B 60 4.75 7.84 -13.49
C ILE B 60 3.93 8.45 -12.29
N ASP B 61 4.31 9.63 -11.88
CA ASP B 61 3.50 10.40 -10.90
C ASP B 61 2.25 10.93 -11.55
N ILE B 62 1.08 10.65 -10.96
CA ILE B 62 -0.20 11.07 -11.50
C ILE B 62 -0.87 12.21 -10.76
N GLY B 63 -0.03 12.84 -9.98
CA GLY B 63 -0.49 14.01 -9.17
C GLY B 63 -0.72 13.61 -7.73
N ASP B 64 -1.39 14.49 -7.03
CA ASP B 64 -1.60 14.34 -5.60
C ASP B 64 -2.90 13.65 -5.36
N GLU B 65 -2.97 12.33 -5.56
CA GLU B 65 -4.21 11.57 -5.51
C GLU B 65 -4.03 10.46 -4.46
N PRO B 66 -5.14 10.05 -3.87
CA PRO B 66 -5.10 8.96 -2.88
C PRO B 66 -4.72 7.61 -3.57
N PHE B 67 -4.38 6.64 -2.77
CA PHE B 67 -3.73 5.39 -3.20
C PHE B 67 -4.52 4.64 -4.24
N LEU B 68 -5.79 4.31 -4.01
CA LEU B 68 -6.54 3.52 -4.98
C LEU B 68 -6.69 4.27 -6.28
N ALA B 69 -6.88 5.58 -6.21
CA ALA B 69 -6.94 6.35 -7.47
C ALA B 69 -5.66 6.36 -8.18
N GLN B 70 -4.50 6.40 -7.51
CA GLN B 70 -3.24 6.38 -8.11
C GLN B 70 -3.03 5.08 -8.91
N ILE B 71 -3.23 3.95 -8.23
CA ILE B 71 -2.92 2.70 -8.86
C ILE B 71 -3.88 2.39 -10.02
N ARG B 72 -5.13 2.85 -9.90
CA ARG B 72 -6.08 2.65 -11.01
C ARG B 72 -5.66 3.51 -12.19
N GLN B 73 -5.25 4.74 -11.93
CA GLN B 73 -4.83 5.61 -13.06
C GLN B 73 -3.59 5.08 -13.69
N GLN B 74 -2.63 4.52 -12.93
CA GLN B 74 -1.41 3.99 -13.58
C GLN B 74 -1.74 2.81 -14.43
N ALA B 75 -2.73 2.01 -14.05
CA ALA B 75 -3.20 0.95 -14.85
C ALA B 75 -3.93 1.40 -16.12
N GLU B 76 -4.61 2.49 -16.04
CA GLU B 76 -5.20 3.07 -17.27
C GLU B 76 -4.13 3.54 -18.19
N ILE B 77 -3.07 4.15 -17.71
CA ILE B 77 -1.90 4.52 -18.51
C ILE B 77 -1.36 3.29 -19.28
N ALA B 78 -1.21 2.17 -18.59
CA ALA B 78 -0.62 0.99 -19.21
C ALA B 78 -1.52 0.50 -20.33
N MET B 79 -2.82 0.43 -20.11
CA MET B 79 -3.75 -0.03 -21.14
C MET B 79 -3.71 0.90 -22.32
N ASP B 80 -3.57 2.18 -22.12
CA ASP B 80 -3.59 3.10 -23.22
CA ASP B 80 -3.57 3.18 -23.22
C ASP B 80 -2.30 3.09 -24.05
N GLU B 81 -1.16 2.93 -23.39
CA GLU B 81 0.11 3.04 -24.02
C GLU B 81 0.75 1.73 -24.54
N ALA B 82 0.38 0.59 -24.01
CA ALA B 82 1.07 -0.64 -24.33
C ALA B 82 0.41 -1.45 -25.37
N ASP B 83 1.23 -2.32 -25.98
CA ASP B 83 0.70 -3.41 -26.74
C ASP B 83 0.59 -4.69 -25.90
N VAL B 84 1.53 -4.83 -24.93
CA VAL B 84 1.48 -6.02 -24.05
C VAL B 84 1.80 -5.47 -22.62
N ILE B 85 1.03 -5.98 -21.65
CA ILE B 85 1.14 -5.46 -20.25
C ILE B 85 1.66 -6.64 -19.39
N ILE B 86 2.65 -6.26 -18.57
CA ILE B 86 3.13 -7.11 -17.43
C ILE B 86 2.51 -6.59 -16.15
N PHE B 87 1.60 -7.34 -15.61
CA PHE B 87 0.94 -7.00 -14.33
C PHE B 87 1.74 -7.71 -13.24
N MET B 88 2.41 -6.93 -12.41
CA MET B 88 3.30 -7.49 -11.38
C MET B 88 2.60 -7.40 -10.00
N VAL B 89 2.72 -8.52 -9.27
CA VAL B 89 2.26 -8.62 -7.90
C VAL B 89 3.40 -9.19 -7.04
N ASN B 90 3.19 -9.29 -5.74
CA ASN B 90 4.22 -9.64 -4.77
C ASN B 90 3.87 -10.99 -4.18
N GLY B 91 4.65 -12.01 -4.56
CA GLY B 91 4.37 -13.33 -3.95
C GLY B 91 4.56 -13.42 -2.47
N ARG B 92 5.37 -12.54 -1.84
CA ARG B 92 5.48 -12.61 -0.39
C ARG B 92 4.31 -12.07 0.30
N GLU B 93 3.46 -11.25 -0.36
CA GLU B 93 2.26 -10.76 0.24
C GLU B 93 0.97 -11.47 -0.12
N GLY B 94 0.97 -12.28 -1.17
CA GLY B 94 -0.21 -12.91 -1.67
C GLY B 94 -1.12 -11.91 -2.34
N VAL B 95 -2.35 -12.25 -2.58
CA VAL B 95 -3.30 -11.39 -3.24
C VAL B 95 -3.84 -10.39 -2.27
N THR B 96 -3.65 -9.08 -2.54
CA THR B 96 -4.15 -8.01 -1.71
C THR B 96 -5.29 -7.23 -2.40
N ALA B 97 -5.99 -6.41 -1.61
CA ALA B 97 -7.07 -5.58 -2.16
C ALA B 97 -6.54 -4.74 -3.27
N ALA B 98 -5.36 -4.09 -3.09
CA ALA B 98 -4.83 -3.24 -4.11
C ALA B 98 -4.56 -4.02 -5.38
N ASP B 99 -4.05 -5.25 -5.32
CA ASP B 99 -3.86 -6.02 -6.50
C ASP B 99 -5.22 -6.30 -7.23
N GLU B 100 -6.21 -6.58 -6.45
CA GLU B 100 -7.53 -6.84 -7.02
C GLU B 100 -8.06 -5.57 -7.71
N GLU B 101 -7.77 -4.39 -7.18
CA GLU B 101 -8.25 -3.16 -7.81
C GLU B 101 -7.52 -2.89 -9.09
N VAL B 102 -6.23 -3.16 -9.18
CA VAL B 102 -5.52 -3.05 -10.43
C VAL B 102 -6.11 -4.04 -11.45
N ALA B 103 -6.29 -5.26 -11.01
CA ALA B 103 -6.85 -6.26 -11.93
C ALA B 103 -8.22 -5.83 -12.49
N LYS B 104 -9.06 -5.22 -11.66
CA LYS B 104 -10.44 -4.77 -12.07
C LYS B 104 -10.28 -3.74 -13.17
N ILE B 105 -9.29 -2.86 -13.11
CA ILE B 105 -9.11 -1.90 -14.17
C ILE B 105 -8.65 -2.58 -15.46
N LEU B 106 -7.71 -3.53 -15.37
CA LEU B 106 -7.13 -4.22 -16.47
C LEU B 106 -8.15 -5.15 -17.14
N TYR B 107 -9.23 -5.55 -16.46
CA TYR B 107 -10.30 -6.30 -17.18
C TYR B 107 -10.87 -5.51 -18.34
N ARG B 108 -10.65 -4.23 -18.37
CA ARG B 108 -11.24 -3.40 -19.49
C ARG B 108 -10.53 -3.54 -20.80
N THR B 109 -9.31 -4.04 -20.84
CA THR B 109 -8.57 -4.15 -22.10
C THR B 109 -8.71 -5.49 -22.73
N LYS B 110 -8.62 -5.46 -24.07
CA LYS B 110 -8.50 -6.68 -24.88
C LYS B 110 -7.07 -7.08 -25.11
N LYS B 111 -6.14 -6.22 -24.73
CA LYS B 111 -4.70 -6.45 -24.98
C LYS B 111 -4.18 -7.53 -24.04
N PRO B 112 -3.10 -8.18 -24.39
CA PRO B 112 -2.56 -9.26 -23.57
C PRO B 112 -1.92 -8.70 -22.28
N VAL B 113 -2.29 -9.38 -21.22
CA VAL B 113 -1.79 -9.14 -19.87
C VAL B 113 -1.12 -10.43 -19.39
N VAL B 114 0.13 -10.30 -18.99
CA VAL B 114 0.92 -11.40 -18.48
C VAL B 114 1.18 -11.13 -16.99
N LEU B 115 0.70 -12.01 -16.15
CA LEU B 115 0.86 -11.90 -14.69
C LEU B 115 2.19 -12.38 -14.19
N ALA B 116 2.93 -11.51 -13.52
CA ALA B 116 4.29 -11.86 -12.99
C ALA B 116 4.20 -11.75 -11.50
N VAL B 117 4.57 -12.83 -10.84
CA VAL B 117 4.53 -12.86 -9.39
C VAL B 117 5.96 -12.79 -8.91
N ASN B 118 6.38 -11.62 -8.39
CA ASN B 118 7.75 -11.30 -7.97
C ASN B 118 7.96 -11.69 -6.54
N LYS B 119 9.27 -11.65 -6.19
CA LYS B 119 9.79 -12.00 -4.87
C LYS B 119 9.56 -13.47 -4.53
N LEU B 120 9.49 -14.28 -5.59
CA LEU B 120 9.40 -15.72 -5.40
C LEU B 120 10.85 -16.20 -5.32
N ASP B 121 11.44 -16.03 -4.18
CA ASP B 121 12.92 -16.05 -4.03
C ASP B 121 13.34 -17.52 -3.76
N ASN B 122 12.43 -18.40 -3.45
CA ASN B 122 12.73 -19.81 -3.18
C ASN B 122 11.68 -20.73 -3.65
N THR B 123 11.94 -21.99 -3.75
CA THR B 123 11.02 -22.97 -4.30
C THR B 123 9.85 -23.24 -3.32
N GLU B 124 10.02 -23.12 -2.03
CA GLU B 124 8.84 -23.37 -1.13
C GLU B 124 7.77 -22.30 -1.43
N MET B 125 8.15 -21.12 -1.91
CA MET B 125 7.11 -20.10 -2.23
C MET B 125 6.27 -20.46 -3.44
N ARG B 126 6.44 -21.63 -4.09
CA ARG B 126 5.63 -21.92 -5.31
C ARG B 126 4.16 -22.25 -4.96
N ALA B 127 3.90 -22.73 -3.75
CA ALA B 127 2.51 -22.93 -3.24
C ALA B 127 1.85 -21.58 -2.93
N ASN B 128 2.51 -20.43 -3.25
CA ASN B 128 1.90 -19.06 -3.23
C ASN B 128 1.25 -18.74 -4.59
N ILE B 129 1.66 -19.47 -5.60
CA ILE B 129 1.62 -18.99 -6.95
C ILE B 129 0.09 -19.19 -7.26
N TYR B 130 -0.48 -20.32 -6.81
CA TYR B 130 -1.86 -20.68 -7.20
C TYR B 130 -2.94 -19.73 -6.75
N ASP B 131 -2.81 -19.14 -5.54
CA ASP B 131 -3.76 -18.10 -5.11
C ASP B 131 -3.96 -16.99 -6.16
N PHE B 132 -2.96 -16.69 -6.99
CA PHE B 132 -3.06 -15.61 -7.90
C PHE B 132 -3.96 -15.87 -9.11
N TYR B 133 -4.37 -17.13 -9.30
CA TYR B 133 -5.38 -17.38 -10.33
C TYR B 133 -6.61 -16.55 -10.17
N SER B 134 -6.93 -16.21 -8.96
CA SER B 134 -8.19 -15.46 -8.72
C SER B 134 -8.17 -14.05 -9.36
N LEU B 135 -6.97 -13.50 -9.66
CA LEU B 135 -6.90 -12.20 -10.33
C LEU B 135 -7.41 -12.21 -11.77
N GLY B 136 -7.51 -13.39 -12.37
CA GLY B 136 -8.14 -13.47 -13.71
C GLY B 136 -7.30 -13.28 -14.90
N PHE B 137 -5.99 -13.52 -14.77
CA PHE B 137 -5.07 -13.33 -15.84
C PHE B 137 -4.28 -14.57 -16.22
N GLY B 138 -4.81 -15.71 -15.75
CA GLY B 138 -4.25 -17.00 -16.14
C GLY B 138 -3.03 -17.31 -15.37
N GLU B 139 -2.11 -18.00 -16.06
CA GLU B 139 -0.94 -18.60 -15.38
C GLU B 139 0.00 -17.52 -14.86
N PRO B 140 0.32 -17.56 -13.61
CA PRO B 140 1.31 -16.60 -13.05
C PRO B 140 2.74 -17.06 -13.39
N TYR B 141 3.59 -16.13 -13.79
CA TYR B 141 4.99 -16.38 -14.10
C TYR B 141 5.77 -16.03 -12.84
N PRO B 142 6.41 -16.99 -12.17
CA PRO B 142 7.19 -16.73 -10.97
C PRO B 142 8.50 -16.09 -11.35
N ILE B 143 8.83 -14.99 -10.68
CA ILE B 143 10.05 -14.31 -10.91
C ILE B 143 10.68 -13.80 -9.57
N SER B 144 12.01 -13.55 -9.65
CA SER B 144 12.70 -12.91 -8.55
C SER B 144 13.65 -11.91 -9.12
N GLY B 145 13.49 -10.64 -8.76
CA GLY B 145 14.47 -9.60 -9.17
C GLY B 145 15.75 -9.59 -8.42
N THR B 146 15.95 -10.42 -7.39
CA THR B 146 17.26 -10.46 -6.69
C THR B 146 18.31 -10.90 -7.67
N HIS B 147 18.15 -12.04 -8.37
CA HIS B 147 19.08 -12.49 -9.36
C HIS B 147 18.56 -12.57 -10.71
N GLY B 148 17.25 -12.43 -10.89
CA GLY B 148 16.65 -12.54 -12.21
C GLY B 148 16.04 -13.87 -12.53
N LEU B 149 15.92 -14.73 -11.51
CA LEU B 149 15.25 -16.07 -11.67
C LEU B 149 13.87 -15.91 -12.32
N GLY B 150 13.57 -16.64 -13.41
CA GLY B 150 12.25 -16.66 -14.03
C GLY B 150 12.11 -15.56 -15.06
N LEU B 151 12.98 -14.63 -15.10
CA LEU B 151 12.80 -13.48 -16.04
C LEU B 151 12.79 -13.84 -17.49
N GLY B 152 13.65 -14.76 -17.86
CA GLY B 152 13.65 -15.14 -19.31
C GLY B 152 12.37 -15.79 -19.69
N ASP B 153 11.81 -16.64 -18.85
CA ASP B 153 10.54 -17.22 -19.16
C ASP B 153 9.42 -16.19 -19.30
N LEU B 154 9.43 -15.18 -18.40
CA LEU B 154 8.40 -14.17 -18.50
C LEU B 154 8.59 -13.42 -19.84
N LEU B 155 9.79 -13.03 -20.18
CA LEU B 155 10.06 -12.27 -21.40
C LEU B 155 9.68 -13.15 -22.59
N ASP B 156 9.89 -14.46 -22.49
CA ASP B 156 9.50 -15.32 -23.65
C ASP B 156 7.94 -15.28 -23.81
N ALA B 157 7.17 -15.40 -22.72
CA ALA B 157 5.70 -15.22 -22.77
C ALA B 157 5.31 -13.83 -23.34
N VAL B 158 6.00 -12.76 -22.98
CA VAL B 158 5.63 -11.44 -23.40
C VAL B 158 5.86 -11.35 -24.92
N ALA B 159 7.01 -11.83 -25.33
CA ALA B 159 7.45 -11.70 -26.72
C ALA B 159 6.63 -12.57 -27.64
N GLU B 160 6.04 -13.65 -27.12
CA GLU B 160 5.10 -14.52 -27.92
C GLU B 160 3.92 -13.70 -28.39
N HIS B 161 3.62 -12.61 -27.69
CA HIS B 161 2.45 -11.80 -28.05
C HIS B 161 2.75 -10.84 -29.17
N PHE B 162 4.00 -10.62 -29.45
CA PHE B 162 4.46 -9.60 -30.42
C PHE B 162 4.08 -10.03 -31.87
#